data_6ZXY
#
_entry.id   6ZXY
#
_cell.length_a   73.134
_cell.length_b   73.134
_cell.length_c   155.090
_cell.angle_alpha   90.000
_cell.angle_beta   90.000
_cell.angle_gamma   90.000
#
_symmetry.space_group_name_H-M   'P 41 21 2'
#
loop_
_entity.id
_entity.type
_entity.pdbx_description
1 polymer 'tRNA (Guanine(10)-N2)-dimethyltransferase'
2 non-polymer 1,2-ETHANEDIOL
3 water water
#
_entity_poly.entity_id   1
_entity_poly.type   'polypeptide(L)'
_entity_poly.pdbx_seq_one_letter_code
;MASMTGGQQMGRGSMKFLFYLSADNLEIARKEVLVLAERYGWVEDYQFEERLLLLDYAGEKFFERLAYTNEVTKIYDICS
VSELEQVFSEIPVYDRLCCVRVKGGKGKTALERKLGALLWKRGAKVSVSNPEIVYKVYIQDDKCYVGLLEFERDTRQFFL
RRPDRRPFLMPSAIKPKLARALVNLTGVLEGETLLDPMCGTGSFLIEAGLMGINPIGIDFIEKIVRGCRVNLEYYGIEGS
VLLGDAKNLPLRDESVRGIATDYPYLRSTKAAGTLDELYSKTSEEFERVLKKGGRAAIVTNIDVESFFSNFEIEMKTEER
VHGSLTRRIYLLRRHHHHHH
;
_entity_poly.pdbx_strand_id   B
#
# COMPACT_ATOMS: atom_id res chain seq x y z
N MET A 10 -27.31 8.00 8.58
CA MET A 10 -26.25 8.97 8.83
C MET A 10 -24.89 8.33 9.08
N GLY A 11 -24.91 7.09 9.56
CA GLY A 11 -23.71 6.30 9.80
C GLY A 11 -23.54 5.19 8.77
N ARG A 12 -22.28 4.89 8.42
CA ARG A 12 -21.89 3.79 7.52
C ARG A 12 -21.81 2.56 8.44
N GLY A 13 -22.25 1.40 7.96
CA GLY A 13 -22.18 0.15 8.72
C GLY A 13 -20.87 -0.60 8.55
N SER A 14 -20.57 -1.54 9.48
CA SER A 14 -19.35 -2.35 9.42
C SER A 14 -19.56 -3.64 8.65
N MET A 15 -18.86 -3.79 7.53
CA MET A 15 -18.92 -5.00 6.72
C MET A 15 -17.53 -5.63 6.61
N LYS A 16 -17.51 -6.96 6.40
CA LYS A 16 -16.34 -7.79 6.21
C LYS A 16 -15.82 -7.62 4.81
N PHE A 17 -14.51 -7.40 4.71
CA PHE A 17 -13.75 -7.25 3.47
C PHE A 17 -12.61 -8.24 3.50
N LEU A 18 -12.32 -8.88 2.36
CA LEU A 18 -11.19 -9.81 2.26
C LEU A 18 -10.09 -9.16 1.38
N PHE A 19 -8.89 -9.08 1.93
CA PHE A 19 -7.73 -8.49 1.26
C PHE A 19 -6.82 -9.63 0.90
N TYR A 20 -6.73 -9.94 -0.42
CA TYR A 20 -5.87 -11.02 -0.87
C TYR A 20 -4.54 -10.38 -1.21
N LEU A 21 -3.63 -10.55 -0.29
CA LEU A 21 -2.33 -9.90 -0.27
C LEU A 21 -1.29 -10.54 -1.18
N SER A 22 -0.32 -9.68 -1.57
CA SER A 22 0.85 -9.99 -2.36
C SER A 22 1.84 -10.65 -1.38
N ALA A 23 2.38 -11.83 -1.76
CA ALA A 23 3.33 -12.61 -0.94
C ALA A 23 4.72 -12.01 -0.91
N ASP A 24 4.94 -10.90 -1.69
CA ASP A 24 6.19 -10.14 -1.79
C ASP A 24 6.69 -9.92 -0.39
N ASN A 25 5.88 -9.29 0.46
CA ASN A 25 6.13 -9.07 1.89
C ASN A 25 4.76 -9.02 2.54
N LEU A 26 4.52 -9.96 3.43
CA LEU A 26 3.25 -10.08 4.13
C LEU A 26 3.12 -9.07 5.30
N GLU A 27 4.26 -8.62 5.93
CA GLU A 27 4.24 -7.62 6.99
C GLU A 27 3.85 -6.27 6.41
N ILE A 28 4.46 -5.87 5.29
CA ILE A 28 4.11 -4.63 4.60
C ILE A 28 2.63 -4.67 4.14
N ALA A 29 2.18 -5.79 3.54
CA ALA A 29 0.82 -5.96 3.02
C ALA A 29 -0.26 -5.76 4.07
N ARG A 30 -0.06 -6.31 5.27
CA ARG A 30 -1.00 -6.25 6.39
C ARG A 30 -1.02 -4.87 7.05
N LYS A 31 0.17 -4.32 7.35
CA LYS A 31 0.33 -3.03 7.99
C LYS A 31 -0.22 -1.90 7.08
N GLU A 32 -0.08 -2.05 5.73
CA GLU A 32 -0.58 -1.09 4.73
C GLU A 32 -2.11 -0.97 4.79
N VAL A 33 -2.81 -2.10 4.77
CA VAL A 33 -4.27 -2.14 4.83
C VAL A 33 -4.78 -1.54 6.16
N LEU A 34 -4.13 -1.92 7.28
CA LEU A 34 -4.51 -1.50 8.63
C LEU A 34 -4.31 -0.02 8.91
N VAL A 35 -3.17 0.55 8.46
CA VAL A 35 -2.90 1.97 8.67
C VAL A 35 -3.94 2.82 7.92
N LEU A 36 -4.23 2.43 6.67
CA LEU A 36 -5.21 3.15 5.84
C LEU A 36 -6.64 3.03 6.38
N ALA A 37 -7.02 1.84 6.82
CA ALA A 37 -8.34 1.62 7.39
C ALA A 37 -8.55 2.37 8.72
N GLU A 38 -7.52 2.40 9.58
CA GLU A 38 -7.54 3.09 10.86
C GLU A 38 -7.69 4.64 10.65
N ARG A 39 -7.27 5.13 9.48
CA ARG A 39 -7.26 6.53 9.07
C ARG A 39 -8.55 6.97 8.36
N TYR A 40 -8.97 6.21 7.32
CA TYR A 40 -10.16 6.47 6.49
C TYR A 40 -11.48 6.11 7.19
N GLY A 41 -11.44 5.10 8.06
CA GLY A 41 -12.60 4.65 8.80
C GLY A 41 -12.29 4.15 10.19
N TRP A 42 -12.98 3.07 10.60
CA TRP A 42 -12.90 2.42 11.90
C TRP A 42 -12.81 0.92 11.70
N VAL A 43 -11.85 0.27 12.36
CA VAL A 43 -11.68 -1.17 12.22
C VAL A 43 -12.24 -1.85 13.45
N GLU A 44 -13.47 -2.35 13.36
CA GLU A 44 -14.10 -3.04 14.47
C GLU A 44 -13.30 -4.29 14.87
N ASP A 45 -12.87 -5.08 13.87
CA ASP A 45 -12.00 -6.25 14.05
C ASP A 45 -11.25 -6.55 12.78
N TYR A 46 -10.20 -7.36 12.90
CA TYR A 46 -9.37 -7.87 11.81
C TYR A 46 -8.79 -9.24 12.21
N GLN A 47 -8.33 -10.01 11.22
CA GLN A 47 -7.69 -11.32 11.40
C GLN A 47 -7.00 -11.77 10.12
N PHE A 48 -5.85 -12.48 10.24
CA PHE A 48 -5.10 -12.94 9.08
C PHE A 48 -4.57 -14.34 9.20
N GLU A 49 -4.52 -15.03 8.05
CA GLU A 49 -4.03 -16.38 7.85
C GLU A 49 -3.33 -16.32 6.50
N GLU A 50 -1.98 -16.26 6.54
CA GLU A 50 -1.12 -16.13 5.36
C GLU A 50 -1.54 -14.92 4.45
N ARG A 51 -1.91 -15.17 3.18
CA ARG A 51 -2.22 -14.13 2.20
C ARG A 51 -3.62 -13.51 2.30
N LEU A 52 -4.41 -13.94 3.27
CA LEU A 52 -5.77 -13.48 3.49
C LEU A 52 -5.88 -12.60 4.73
N LEU A 53 -6.43 -11.41 4.56
CA LEU A 53 -6.64 -10.46 5.65
C LEU A 53 -8.13 -10.15 5.65
N LEU A 54 -8.81 -10.47 6.76
CA LEU A 54 -10.23 -10.20 6.92
C LEU A 54 -10.38 -8.99 7.79
N LEU A 55 -10.97 -7.93 7.25
CA LEU A 55 -11.21 -6.68 7.96
C LEU A 55 -12.70 -6.47 8.20
N ASP A 56 -13.08 -6.00 9.39
CA ASP A 56 -14.45 -5.64 9.75
C ASP A 56 -14.37 -4.13 9.73
N TYR A 57 -14.77 -3.53 8.61
CA TYR A 57 -14.58 -2.11 8.40
C TYR A 57 -15.83 -1.28 8.10
N ALA A 58 -15.84 -0.02 8.62
CA ALA A 58 -16.85 1.01 8.40
C ALA A 58 -16.17 2.35 8.11
N GLY A 59 -16.30 2.82 6.88
CA GLY A 59 -15.72 4.08 6.44
C GLY A 59 -15.57 4.18 4.93
N GLU A 60 -14.83 5.21 4.46
CA GLU A 60 -14.55 5.46 3.04
C GLU A 60 -13.63 4.38 2.52
N LYS A 61 -13.83 3.93 1.29
CA LYS A 61 -12.98 2.90 0.68
C LYS A 61 -11.70 3.57 0.23
N PHE A 62 -10.55 2.89 0.36
CA PHE A 62 -9.22 3.47 0.11
C PHE A 62 -8.40 2.53 -0.73
N PHE A 63 -9.04 1.46 -1.22
CA PHE A 63 -8.44 0.32 -1.89
C PHE A 63 -7.55 0.68 -3.05
N GLU A 64 -7.87 1.77 -3.79
CA GLU A 64 -7.09 2.25 -4.94
C GLU A 64 -5.63 2.59 -4.64
N ARG A 65 -5.36 3.07 -3.40
CA ARG A 65 -4.04 3.45 -2.90
C ARG A 65 -3.13 2.27 -2.65
N LEU A 66 -3.73 1.12 -2.34
CA LEU A 66 -3.03 -0.14 -2.00
C LEU A 66 -2.05 -0.62 -3.05
N ALA A 67 -0.83 -0.95 -2.58
CA ALA A 67 0.31 -1.43 -3.35
C ALA A 67 0.58 -2.90 -3.13
N TYR A 68 0.46 -3.36 -1.88
CA TYR A 68 0.77 -4.75 -1.56
C TYR A 68 -0.50 -5.62 -1.40
N THR A 69 -1.63 -5.12 -1.88
CA THR A 69 -2.90 -5.85 -1.89
C THR A 69 -3.22 -6.12 -3.35
N ASN A 70 -3.58 -7.37 -3.68
CA ASN A 70 -3.90 -7.73 -5.06
C ASN A 70 -5.39 -7.64 -5.38
N GLU A 71 -6.26 -7.96 -4.39
CA GLU A 71 -7.71 -7.93 -4.53
C GLU A 71 -8.38 -7.63 -3.21
N VAL A 72 -9.50 -6.91 -3.28
CA VAL A 72 -10.40 -6.60 -2.16
C VAL A 72 -11.80 -7.10 -2.58
N THR A 73 -12.39 -7.96 -1.78
CA THR A 73 -13.71 -8.55 -1.99
C THR A 73 -14.57 -8.14 -0.79
N LYS A 74 -15.82 -7.69 -1.03
CA LYS A 74 -16.78 -7.38 0.04
C LYS A 74 -17.47 -8.72 0.29
N ILE A 75 -17.38 -9.23 1.52
CA ILE A 75 -17.90 -10.56 1.88
C ILE A 75 -19.41 -10.56 2.11
N TYR A 76 -20.15 -11.48 1.42
CA TYR A 76 -21.58 -11.73 1.62
C TYR A 76 -21.72 -12.81 2.71
N ASP A 77 -20.88 -13.88 2.65
CA ASP A 77 -20.88 -14.99 3.60
C ASP A 77 -19.61 -15.87 3.63
N ILE A 78 -19.42 -16.58 4.75
CA ILE A 78 -18.32 -17.52 4.97
C ILE A 78 -19.00 -18.84 5.29
N CYS A 79 -18.69 -19.87 4.49
CA CYS A 79 -19.31 -21.19 4.52
C CYS A 79 -18.29 -22.30 4.26
N SER A 80 -18.75 -23.58 4.27
CA SER A 80 -17.96 -24.76 3.91
C SER A 80 -18.10 -24.99 2.39
N VAL A 81 -17.29 -25.91 1.79
CA VAL A 81 -17.38 -26.24 0.36
C VAL A 81 -18.78 -26.83 0.02
N SER A 82 -19.42 -27.56 0.97
CA SER A 82 -20.75 -28.16 0.82
C SER A 82 -21.83 -27.09 0.70
N GLU A 83 -21.80 -26.08 1.60
CA GLU A 83 -22.73 -24.94 1.66
C GLU A 83 -22.58 -23.95 0.49
N LEU A 84 -21.58 -24.14 -0.41
CA LEU A 84 -21.34 -23.24 -1.53
C LEU A 84 -22.53 -23.14 -2.48
N GLU A 85 -23.13 -24.30 -2.82
CA GLU A 85 -24.28 -24.40 -3.71
C GLU A 85 -25.48 -23.62 -3.15
N GLN A 86 -25.74 -23.69 -1.81
CA GLN A 86 -26.84 -22.95 -1.16
C GLN A 86 -26.60 -21.44 -1.06
N VAL A 87 -25.33 -21.01 -0.84
CA VAL A 87 -24.95 -19.59 -0.75
C VAL A 87 -25.31 -18.91 -2.08
N PHE A 88 -25.04 -19.58 -3.22
CA PHE A 88 -25.26 -19.04 -4.57
C PHE A 88 -26.71 -19.06 -4.97
N SER A 89 -27.52 -19.89 -4.31
CA SER A 89 -28.95 -19.93 -4.57
C SER A 89 -29.62 -18.76 -3.82
N GLU A 90 -28.92 -18.21 -2.79
CA GLU A 90 -29.36 -17.11 -1.92
C GLU A 90 -28.68 -15.75 -2.20
N ILE A 91 -27.39 -15.74 -2.62
CA ILE A 91 -26.61 -14.50 -2.87
C ILE A 91 -27.39 -13.56 -3.80
N PRO A 92 -27.44 -12.23 -3.50
CA PRO A 92 -28.19 -11.31 -4.38
C PRO A 92 -27.67 -11.32 -5.83
N VAL A 93 -28.62 -11.27 -6.79
N VAL A 93 -28.61 -11.30 -6.82
CA VAL A 93 -28.33 -11.20 -8.21
CA VAL A 93 -28.26 -11.22 -8.23
C VAL A 93 -28.59 -9.76 -8.66
C VAL A 93 -28.58 -9.81 -8.72
N TYR A 94 -27.56 -9.11 -9.22
CA TYR A 94 -27.63 -7.72 -9.68
C TYR A 94 -27.89 -7.57 -11.20
N ASP A 95 -28.25 -6.34 -11.64
CA ASP A 95 -28.52 -6.00 -13.04
C ASP A 95 -27.24 -5.66 -13.82
N ARG A 96 -26.18 -6.42 -13.56
CA ARG A 96 -24.89 -6.24 -14.21
C ARG A 96 -24.41 -7.56 -14.77
N LEU A 97 -23.59 -7.48 -15.84
CA LEU A 97 -22.91 -8.63 -16.45
C LEU A 97 -21.95 -9.16 -15.36
N CYS A 98 -22.02 -10.46 -15.07
CA CYS A 98 -21.21 -11.05 -14.01
C CYS A 98 -20.51 -12.33 -14.43
N CYS A 99 -19.58 -12.76 -13.61
CA CYS A 99 -18.87 -14.01 -13.76
C CYS A 99 -18.46 -14.43 -12.33
N VAL A 100 -18.13 -15.72 -12.13
CA VAL A 100 -17.73 -16.14 -10.79
C VAL A 100 -16.31 -16.71 -10.86
N ARG A 101 -15.36 -16.04 -10.18
CA ARG A 101 -13.96 -16.48 -10.16
C ARG A 101 -13.58 -17.12 -8.80
N VAL A 102 -12.89 -18.30 -8.82
CA VAL A 102 -12.49 -19.02 -7.59
C VAL A 102 -10.97 -18.92 -7.36
N LYS A 103 -10.59 -18.39 -6.20
CA LYS A 103 -9.22 -18.25 -5.74
C LYS A 103 -9.08 -19.28 -4.62
N GLY A 104 -9.07 -20.55 -5.01
CA GLY A 104 -8.97 -21.67 -4.08
C GLY A 104 -7.93 -22.67 -4.56
N GLY A 105 -8.11 -23.91 -4.12
CA GLY A 105 -7.24 -25.02 -4.49
C GLY A 105 -7.99 -26.25 -4.96
N LYS A 106 -9.29 -26.10 -5.32
CA LYS A 106 -10.11 -27.22 -5.79
C LYS A 106 -9.79 -27.59 -7.25
N GLY A 107 -8.50 -27.87 -7.47
CA GLY A 107 -7.92 -28.27 -8.76
C GLY A 107 -8.04 -27.20 -9.82
N LYS A 108 -9.23 -27.14 -10.47
CA LYS A 108 -9.51 -26.19 -11.54
C LYS A 108 -10.92 -25.51 -11.46
N THR A 109 -11.32 -24.94 -12.62
CA THR A 109 -12.46 -24.08 -12.94
C THR A 109 -13.84 -24.73 -13.17
N ALA A 110 -14.07 -25.97 -12.72
CA ALA A 110 -15.39 -26.58 -12.90
C ALA A 110 -16.42 -26.00 -11.94
N LEU A 111 -15.95 -25.55 -10.75
CA LEU A 111 -16.75 -24.95 -9.68
C LEU A 111 -17.30 -23.60 -10.14
N GLU A 112 -16.49 -22.85 -10.93
CA GLU A 112 -16.84 -21.56 -11.55
C GLU A 112 -17.99 -21.77 -12.53
N ARG A 113 -17.90 -22.78 -13.43
CA ARG A 113 -18.97 -23.06 -14.40
C ARG A 113 -20.25 -23.41 -13.64
N LYS A 114 -20.11 -24.21 -12.57
CA LYS A 114 -21.19 -24.67 -11.69
C LYS A 114 -21.92 -23.50 -11.00
N LEU A 115 -21.17 -22.61 -10.34
CA LEU A 115 -21.70 -21.45 -9.64
C LEU A 115 -22.24 -20.42 -10.63
N GLY A 116 -21.63 -20.37 -11.81
CA GLY A 116 -22.06 -19.53 -12.92
C GLY A 116 -23.43 -19.98 -13.43
N ALA A 117 -23.65 -21.32 -13.49
CA ALA A 117 -24.92 -21.90 -13.92
C ALA A 117 -26.02 -21.74 -12.89
N LEU A 118 -25.67 -21.71 -11.59
CA LEU A 118 -26.62 -21.51 -10.49
C LEU A 118 -27.19 -20.10 -10.67
N LEU A 119 -26.27 -19.12 -10.85
CA LEU A 119 -26.52 -17.70 -11.10
C LEU A 119 -27.34 -17.55 -12.38
N TRP A 120 -26.91 -18.23 -13.48
CA TRP A 120 -27.59 -18.24 -14.77
C TRP A 120 -29.02 -18.76 -14.67
N LYS A 121 -29.26 -19.90 -13.98
CA LYS A 121 -30.59 -20.49 -13.78
C LYS A 121 -31.50 -19.50 -13.03
N ARG A 122 -30.89 -18.67 -12.16
CA ARG A 122 -31.54 -17.63 -11.36
C ARG A 122 -31.83 -16.31 -12.14
N GLY A 123 -31.36 -16.22 -13.38
CA GLY A 123 -31.57 -15.04 -14.23
C GLY A 123 -30.41 -14.07 -14.28
N ALA A 124 -29.21 -14.49 -13.86
CA ALA A 124 -28.00 -13.65 -13.89
C ALA A 124 -27.48 -13.45 -15.31
N LYS A 125 -27.07 -12.20 -15.60
CA LYS A 125 -26.51 -11.85 -16.88
C LYS A 125 -25.04 -12.33 -16.74
N VAL A 126 -24.76 -13.60 -17.16
CA VAL A 126 -23.46 -14.28 -17.03
C VAL A 126 -22.61 -14.10 -18.29
N SER A 127 -21.44 -13.47 -18.13
CA SER A 127 -20.43 -13.20 -19.16
C SER A 127 -19.06 -13.27 -18.52
N VAL A 128 -18.20 -14.24 -18.96
CA VAL A 128 -16.85 -14.38 -18.39
C VAL A 128 -15.82 -13.60 -19.26
N SER A 129 -16.25 -13.22 -20.47
CA SER A 129 -15.47 -12.42 -21.41
C SER A 129 -15.44 -10.93 -20.99
N ASN A 130 -16.64 -10.32 -20.77
CA ASN A 130 -16.78 -8.90 -20.37
C ASN A 130 -17.66 -8.70 -19.09
N PRO A 131 -17.24 -9.21 -17.91
CA PRO A 131 -18.06 -8.98 -16.71
C PRO A 131 -17.92 -7.57 -16.16
N GLU A 132 -18.98 -7.08 -15.52
CA GLU A 132 -19.09 -5.79 -14.86
C GLU A 132 -18.84 -6.04 -13.38
N ILE A 133 -19.36 -7.16 -12.81
CA ILE A 133 -19.16 -7.59 -11.41
C ILE A 133 -18.57 -8.99 -11.35
N VAL A 134 -17.79 -9.27 -10.32
CA VAL A 134 -17.16 -10.59 -10.19
C VAL A 134 -17.43 -11.17 -8.80
N TYR A 135 -18.06 -12.35 -8.75
CA TYR A 135 -18.30 -13.05 -7.50
C TYR A 135 -17.03 -13.82 -7.20
N LYS A 136 -16.35 -13.47 -6.09
CA LYS A 136 -15.10 -14.13 -5.73
C LYS A 136 -15.35 -15.20 -4.69
N VAL A 137 -14.70 -16.37 -4.82
CA VAL A 137 -14.80 -17.43 -3.83
C VAL A 137 -13.39 -17.85 -3.47
N TYR A 138 -12.99 -17.65 -2.20
CA TYR A 138 -11.63 -17.94 -1.72
C TYR A 138 -11.61 -19.23 -0.88
N ILE A 139 -11.00 -20.32 -1.41
CA ILE A 139 -10.95 -21.58 -0.64
C ILE A 139 -9.60 -21.81 0.07
N GLN A 140 -9.62 -21.78 1.44
CA GLN A 140 -8.47 -22.05 2.32
C GLN A 140 -8.83 -23.20 3.30
N ASP A 141 -8.61 -24.45 2.82
CA ASP A 141 -8.87 -25.73 3.51
C ASP A 141 -10.35 -25.86 3.99
N ASP A 142 -11.26 -26.20 3.05
CA ASP A 142 -12.71 -26.33 3.26
C ASP A 142 -13.34 -25.09 3.98
N LYS A 143 -12.76 -23.89 3.78
CA LYS A 143 -13.32 -22.65 4.30
C LYS A 143 -13.44 -21.73 3.11
N CYS A 144 -14.68 -21.36 2.78
CA CYS A 144 -15.01 -20.54 1.63
C CYS A 144 -15.43 -19.14 2.02
N TYR A 145 -14.77 -18.14 1.43
CA TYR A 145 -15.04 -16.73 1.63
C TYR A 145 -15.69 -16.21 0.33
N VAL A 146 -17.00 -16.12 0.33
CA VAL A 146 -17.76 -15.72 -0.84
C VAL A 146 -18.19 -14.27 -0.70
N GLY A 147 -18.09 -13.53 -1.80
CA GLY A 147 -18.50 -12.14 -1.89
C GLY A 147 -18.31 -11.61 -3.30
N LEU A 148 -18.31 -10.27 -3.41
CA LEU A 148 -18.11 -9.56 -4.67
C LEU A 148 -16.84 -8.72 -4.64
N LEU A 149 -16.02 -8.88 -5.70
CA LEU A 149 -14.78 -8.15 -5.90
C LEU A 149 -15.06 -6.65 -5.95
N GLU A 150 -14.35 -5.92 -5.10
CA GLU A 150 -14.42 -4.47 -4.94
C GLU A 150 -13.16 -3.86 -5.58
N PHE A 151 -12.01 -4.54 -5.50
CA PHE A 151 -10.77 -4.03 -6.06
C PHE A 151 -9.87 -5.14 -6.58
N GLU A 152 -9.15 -4.85 -7.70
CA GLU A 152 -8.15 -5.71 -8.33
C GLU A 152 -7.01 -4.80 -8.76
N ARG A 153 -5.82 -5.05 -8.19
CA ARG A 153 -4.65 -4.22 -8.43
C ARG A 153 -4.08 -4.37 -9.83
N ASP A 154 -3.81 -3.19 -10.45
CA ASP A 154 -3.21 -3.05 -11.77
C ASP A 154 -1.69 -3.11 -11.68
N THR A 155 -1.12 -4.31 -11.86
CA THR A 155 0.33 -4.53 -11.84
C THR A 155 1.04 -3.83 -13.03
N ARG A 156 0.28 -3.43 -14.06
CA ARG A 156 0.83 -2.76 -15.23
C ARG A 156 1.26 -1.30 -14.97
N GLN A 157 0.50 -0.51 -14.15
CA GLN A 157 0.84 0.90 -13.84
C GLN A 157 2.23 1.07 -13.15
N PHE A 158 2.56 0.12 -12.26
CA PHE A 158 3.82 0.05 -11.49
C PHE A 158 4.99 -0.32 -12.39
N PHE A 159 4.79 -1.32 -13.27
CA PHE A 159 5.83 -1.77 -14.22
C PHE A 159 6.19 -0.65 -15.22
N LEU A 160 5.26 0.24 -15.52
CA LEU A 160 5.42 1.35 -16.46
C LEU A 160 6.07 2.61 -15.86
N ARG A 161 6.00 2.80 -14.54
CA ARG A 161 6.66 3.96 -13.94
C ARG A 161 7.91 3.54 -13.12
N ARG A 162 8.46 2.33 -13.45
CA ARG A 162 9.67 1.76 -12.86
C ARG A 162 10.85 2.69 -13.13
N PRO A 163 11.83 2.83 -12.21
CA PRO A 163 12.87 3.85 -12.41
C PRO A 163 13.62 3.83 -13.76
N ASP A 164 13.74 2.66 -14.44
CA ASP A 164 14.40 2.48 -15.76
C ASP A 164 13.76 3.32 -16.87
N ARG A 165 12.44 3.54 -16.77
CA ARG A 165 11.54 4.22 -17.68
C ARG A 165 11.43 5.73 -17.45
N ARG A 166 11.95 6.21 -16.32
CA ARG A 166 11.90 7.62 -15.88
C ARG A 166 12.93 8.48 -16.60
N PRO A 167 12.66 9.80 -16.79
CA PRO A 167 13.68 10.67 -17.39
C PRO A 167 15.02 10.54 -16.65
N PHE A 168 14.98 10.40 -15.30
CA PHE A 168 16.17 10.23 -14.47
C PHE A 168 16.00 9.22 -13.36
N LEU A 169 17.07 8.44 -13.11
CA LEU A 169 17.09 7.42 -12.05
C LEU A 169 18.45 7.36 -11.36
N MET A 170 18.57 6.52 -10.32
CA MET A 170 19.80 6.29 -9.58
C MET A 170 19.98 4.77 -9.45
N PRO A 171 21.19 4.22 -9.17
CA PRO A 171 21.32 2.75 -9.03
C PRO A 171 20.44 2.19 -7.91
N SER A 172 19.68 1.13 -8.25
CA SER A 172 18.77 0.41 -7.37
C SER A 172 17.75 1.34 -6.63
N ALA A 173 17.28 2.44 -7.29
CA ALA A 173 16.25 3.37 -6.76
C ALA A 173 14.99 2.59 -6.41
N ILE A 174 14.25 3.03 -5.37
CA ILE A 174 13.07 2.30 -4.88
C ILE A 174 11.98 2.16 -5.97
N LYS A 175 11.49 0.92 -6.15
CA LYS A 175 10.48 0.59 -7.14
C LYS A 175 9.12 1.18 -6.77
N PRO A 176 8.25 1.49 -7.77
CA PRO A 176 6.98 2.14 -7.46
C PRO A 176 6.15 1.53 -6.34
N LYS A 177 5.99 0.20 -6.34
CA LYS A 177 5.21 -0.60 -5.38
C LYS A 177 5.62 -0.39 -3.94
N LEU A 178 6.93 -0.33 -3.68
CA LEU A 178 7.46 -0.18 -2.31
C LEU A 178 7.30 1.24 -1.79
N ALA A 179 7.60 2.24 -2.64
CA ALA A 179 7.49 3.66 -2.36
C ALA A 179 6.06 4.07 -1.97
N ARG A 180 5.06 3.52 -2.71
CA ARG A 180 3.62 3.72 -2.49
C ARG A 180 3.21 3.06 -1.18
N ALA A 181 3.66 1.83 -0.91
CA ALA A 181 3.40 1.12 0.33
C ALA A 181 3.97 1.89 1.51
N LEU A 182 5.13 2.54 1.32
CA LEU A 182 5.78 3.23 2.43
C LEU A 182 5.15 4.59 2.74
N VAL A 183 4.61 5.30 1.72
CA VAL A 183 3.85 6.58 1.84
C VAL A 183 2.49 6.23 2.51
N ASN A 184 1.88 5.08 2.14
CA ASN A 184 0.62 4.62 2.70
C ASN A 184 0.77 4.26 4.16
N LEU A 185 1.92 3.61 4.51
CA LEU A 185 2.27 3.21 5.88
C LEU A 185 2.40 4.41 6.79
N THR A 186 2.67 5.61 6.26
CA THR A 186 2.73 6.81 7.09
C THR A 186 1.32 7.29 7.45
N GLY A 187 0.28 6.79 6.77
CA GLY A 187 -1.11 7.15 7.03
C GLY A 187 -1.54 8.53 6.57
N VAL A 188 -0.75 9.13 5.66
N VAL A 188 -0.75 9.14 5.66
CA VAL A 188 -0.98 10.45 5.09
CA VAL A 188 -1.01 10.47 5.11
C VAL A 188 -2.22 10.42 4.15
C VAL A 188 -2.22 10.43 4.16
N LEU A 189 -3.09 11.45 4.24
CA LEU A 189 -4.31 11.55 3.39
C LEU A 189 -4.11 12.49 2.21
N GLU A 190 -5.13 12.59 1.36
CA GLU A 190 -5.15 13.49 0.21
C GLU A 190 -5.09 14.93 0.76
N GLY A 191 -4.29 15.77 0.11
CA GLY A 191 -4.11 17.16 0.51
C GLY A 191 -3.19 17.38 1.68
N GLU A 192 -2.72 16.29 2.34
CA GLU A 192 -1.77 16.39 3.44
C GLU A 192 -0.36 16.32 2.89
N THR A 193 0.61 16.85 3.65
CA THR A 193 2.00 16.90 3.18
C THR A 193 2.86 15.65 3.56
N LEU A 194 3.56 15.09 2.55
CA LEU A 194 4.56 14.05 2.70
C LEU A 194 5.91 14.61 2.31
N LEU A 195 6.90 14.45 3.21
CA LEU A 195 8.27 14.88 3.07
C LEU A 195 9.19 13.69 2.87
N ASP A 196 10.09 13.80 1.88
CA ASP A 196 11.14 12.84 1.59
C ASP A 196 12.41 13.67 1.73
N PRO A 197 13.11 13.58 2.91
CA PRO A 197 14.30 14.43 3.16
C PRO A 197 15.59 14.06 2.41
N MET A 198 15.61 12.92 1.68
CA MET A 198 16.71 12.43 0.84
C MET A 198 16.03 11.76 -0.34
N CYS A 199 15.27 12.60 -1.08
CA CYS A 199 14.32 12.28 -2.15
C CYS A 199 14.89 11.63 -3.42
N GLY A 200 16.19 11.78 -3.68
CA GLY A 200 16.80 11.23 -4.88
C GLY A 200 16.02 11.69 -6.10
N THR A 201 15.78 10.77 -7.05
CA THR A 201 15.04 11.07 -8.29
C THR A 201 13.49 11.01 -8.11
N GLY A 202 13.01 10.91 -6.87
CA GLY A 202 11.60 11.07 -6.54
C GLY A 202 10.64 9.91 -6.48
N SER A 203 11.13 8.67 -6.27
CA SER A 203 10.32 7.45 -6.14
C SER A 203 9.13 7.55 -5.13
N PHE A 204 9.40 8.09 -3.92
CA PHE A 204 8.37 8.31 -2.88
C PHE A 204 7.44 9.46 -3.25
N LEU A 205 8.02 10.58 -3.70
CA LEU A 205 7.32 11.82 -4.12
C LEU A 205 6.30 11.55 -5.25
N ILE A 206 6.67 10.66 -6.22
CA ILE A 206 5.87 10.27 -7.37
C ILE A 206 4.57 9.59 -6.91
N GLU A 207 4.65 8.59 -6.02
CA GLU A 207 3.48 7.89 -5.48
C GLU A 207 2.69 8.81 -4.61
N ALA A 208 3.37 9.62 -3.76
CA ALA A 208 2.71 10.64 -2.92
C ALA A 208 1.78 11.54 -3.79
N GLY A 209 2.35 12.25 -4.78
CA GLY A 209 1.61 13.11 -5.71
C GLY A 209 0.51 12.39 -6.47
N LEU A 210 0.82 11.20 -7.02
CA LEU A 210 -0.12 10.36 -7.76
C LEU A 210 -1.34 9.98 -6.95
N MET A 211 -1.23 9.81 -5.61
CA MET A 211 -2.38 9.50 -4.73
C MET A 211 -2.99 10.74 -4.10
N GLY A 212 -2.68 11.91 -4.70
CA GLY A 212 -3.17 13.23 -4.31
C GLY A 212 -2.71 13.74 -2.96
N ILE A 213 -1.49 13.41 -2.55
CA ILE A 213 -0.85 13.87 -1.30
C ILE A 213 0.11 14.98 -1.78
N ASN A 214 0.30 16.07 -1.00
N ASN A 214 0.28 16.08 -1.01
CA ASN A 214 1.22 17.15 -1.40
CA ASN A 214 1.19 17.17 -1.40
C ASN A 214 2.65 16.70 -1.15
C ASN A 214 2.65 16.74 -1.15
N PRO A 215 3.48 16.50 -2.21
CA PRO A 215 4.87 16.05 -1.97
C PRO A 215 5.92 17.15 -1.81
N ILE A 216 6.88 16.92 -0.87
CA ILE A 216 8.05 17.77 -0.61
C ILE A 216 9.31 16.88 -0.57
N GLY A 217 10.25 17.16 -1.45
CA GLY A 217 11.52 16.46 -1.52
C GLY A 217 12.68 17.37 -1.18
N ILE A 218 13.64 16.86 -0.44
CA ILE A 218 14.85 17.60 -0.08
C ILE A 218 16.00 16.69 -0.45
N ASP A 219 17.02 17.19 -1.14
CA ASP A 219 18.18 16.38 -1.44
C ASP A 219 19.46 17.22 -1.34
N PHE A 220 20.59 16.60 -0.94
CA PHE A 220 21.86 17.28 -0.74
C PHE A 220 22.68 17.50 -2.03
N ILE A 221 22.31 16.87 -3.17
CA ILE A 221 22.98 17.03 -4.46
C ILE A 221 22.10 17.82 -5.46
N GLU A 222 22.66 18.90 -6.03
CA GLU A 222 21.99 19.80 -6.98
C GLU A 222 21.42 19.11 -8.24
N LYS A 223 22.21 18.25 -8.94
CA LYS A 223 21.73 17.59 -10.18
C LYS A 223 20.62 16.58 -9.91
N ILE A 224 20.58 16.05 -8.66
CA ILE A 224 19.61 15.08 -8.17
C ILE A 224 18.26 15.82 -7.88
N VAL A 225 18.31 17.04 -7.25
CA VAL A 225 17.15 17.92 -7.01
C VAL A 225 16.54 18.28 -8.37
N ARG A 226 17.44 18.63 -9.32
CA ARG A 226 17.17 19.00 -10.71
C ARG A 226 16.49 17.86 -11.47
N GLY A 227 17.02 16.64 -11.30
CA GLY A 227 16.53 15.43 -11.95
C GLY A 227 15.19 14.97 -11.43
N CYS A 228 14.99 15.12 -10.12
CA CYS A 228 13.77 14.76 -9.44
C CYS A 228 12.60 15.60 -9.96
N ARG A 229 12.85 16.91 -10.22
CA ARG A 229 11.86 17.87 -10.75
C ARG A 229 11.41 17.48 -12.15
N VAL A 230 12.39 17.11 -13.04
CA VAL A 230 12.14 16.65 -14.41
C VAL A 230 11.16 15.43 -14.39
N ASN A 231 11.32 14.55 -13.37
CA ASN A 231 10.48 13.35 -13.21
C ASN A 231 9.09 13.71 -12.79
N LEU A 232 8.99 14.65 -11.84
CA LEU A 232 7.72 15.16 -11.32
C LEU A 232 6.95 15.88 -12.42
N GLU A 233 7.62 16.76 -13.21
CA GLU A 233 6.97 17.43 -14.33
C GLU A 233 6.41 16.37 -15.29
N TYR A 234 7.26 15.36 -15.66
CA TYR A 234 6.95 14.23 -16.58
C TYR A 234 5.70 13.42 -16.15
N TYR A 235 5.56 13.12 -14.86
CA TYR A 235 4.41 12.38 -14.35
C TYR A 235 3.21 13.27 -14.04
N GLY A 236 3.22 14.51 -14.57
CA GLY A 236 2.20 15.53 -14.33
C GLY A 236 1.95 15.80 -12.85
N ILE A 237 3.02 15.75 -12.03
CA ILE A 237 2.94 15.94 -10.58
C ILE A 237 3.40 17.34 -10.14
N GLU A 238 2.62 17.94 -9.22
CA GLU A 238 2.87 19.24 -8.63
C GLU A 238 3.31 19.05 -7.18
N GLY A 239 4.56 19.37 -6.92
CA GLY A 239 5.19 19.30 -5.61
C GLY A 239 6.44 20.15 -5.59
N SER A 240 6.94 20.50 -4.41
CA SER A 240 8.14 21.34 -4.32
C SER A 240 9.36 20.49 -3.97
N VAL A 241 10.50 20.76 -4.66
CA VAL A 241 11.78 20.06 -4.44
C VAL A 241 12.84 21.09 -4.03
N LEU A 242 13.54 20.86 -2.89
CA LEU A 242 14.54 21.78 -2.33
C LEU A 242 15.90 21.14 -2.19
N LEU A 243 16.95 21.99 -2.25
CA LEU A 243 18.34 21.61 -2.01
C LEU A 243 18.58 21.90 -0.53
N GLY A 244 18.81 20.85 0.25
CA GLY A 244 19.04 21.00 1.68
C GLY A 244 19.57 19.73 2.31
N ASP A 245 19.72 19.76 3.65
CA ASP A 245 20.26 18.65 4.42
C ASP A 245 19.24 18.06 5.39
N ALA A 246 19.12 16.73 5.40
CA ALA A 246 18.21 16.01 6.27
C ALA A 246 18.64 16.09 7.75
N LYS A 247 19.84 16.65 8.02
CA LYS A 247 20.39 16.82 9.36
C LYS A 247 20.17 18.25 9.86
N ASN A 248 19.59 19.13 9.01
CA ASN A 248 19.23 20.54 9.28
C ASN A 248 18.23 20.99 8.21
N LEU A 249 16.95 20.57 8.37
CA LEU A 249 15.85 20.75 7.42
C LEU A 249 15.25 22.18 7.37
N PRO A 250 14.94 22.71 6.14
CA PRO A 250 14.39 24.08 6.03
C PRO A 250 12.87 24.17 6.24
N LEU A 251 12.39 23.47 7.27
CA LEU A 251 11.00 23.39 7.65
C LEU A 251 10.88 23.64 9.15
N ARG A 252 9.75 24.21 9.56
CA ARG A 252 9.47 24.48 10.97
C ARG A 252 9.09 23.19 11.72
N ASP A 253 9.08 23.27 13.07
CA ASP A 253 8.68 22.20 14.00
C ASP A 253 7.19 21.81 13.73
N GLU A 254 6.90 20.50 13.71
CA GLU A 254 5.56 19.93 13.53
C GLU A 254 4.85 20.44 12.26
N SER A 255 5.53 20.45 11.10
CA SER A 255 4.98 20.95 9.83
C SER A 255 4.59 19.88 8.79
N VAL A 256 4.96 18.63 9.00
CA VAL A 256 4.76 17.53 8.06
C VAL A 256 3.96 16.38 8.71
N ARG A 257 2.97 15.77 7.99
CA ARG A 257 2.22 14.63 8.55
C ARG A 257 2.97 13.26 8.32
N GLY A 258 3.73 13.18 7.23
CA GLY A 258 4.48 11.97 6.95
C GLY A 258 5.84 12.19 6.34
N ILE A 259 6.76 11.26 6.66
CA ILE A 259 8.12 11.15 6.12
C ILE A 259 8.20 9.77 5.51
N ALA A 260 8.74 9.68 4.32
CA ALA A 260 8.92 8.42 3.62
C ALA A 260 10.25 8.65 2.93
N THR A 261 11.29 7.85 3.26
CA THR A 261 12.64 8.08 2.74
C THR A 261 13.43 6.78 2.60
N ASP A 262 14.47 6.86 1.73
CA ASP A 262 15.50 5.86 1.45
C ASP A 262 16.88 6.56 1.60
N TYR A 263 17.63 6.18 2.65
CA TYR A 263 18.93 6.76 3.02
C TYR A 263 20.01 6.66 1.89
N PRO A 264 21.00 7.59 1.88
CA PRO A 264 21.97 7.60 0.77
C PRO A 264 23.20 6.70 0.93
N TYR A 265 23.00 5.43 1.31
CA TYR A 265 24.09 4.44 1.51
C TYR A 265 24.76 3.94 0.24
N LEU A 266 24.04 3.99 -0.89
CA LEU A 266 24.52 3.50 -2.18
C LEU A 266 25.18 4.61 -3.00
N ARG A 267 25.37 5.83 -2.44
CA ARG A 267 25.97 6.94 -3.22
C ARG A 267 27.19 7.60 -2.56
N GLY A 273 29.53 13.51 7.38
CA GLY A 273 30.21 13.19 8.63
C GLY A 273 30.38 11.70 8.88
N THR A 274 29.74 11.19 9.97
CA THR A 274 29.82 9.78 10.37
C THR A 274 28.44 9.09 10.42
N LEU A 275 28.39 7.73 10.40
CA LEU A 275 27.18 6.91 10.47
C LEU A 275 26.34 7.30 11.69
N ASP A 276 27.04 7.48 12.83
CA ASP A 276 26.50 7.87 14.13
C ASP A 276 25.87 9.27 14.07
N GLU A 277 26.41 10.17 13.22
CA GLU A 277 25.94 11.54 13.01
C GLU A 277 24.74 11.57 12.05
N LEU A 278 24.82 10.79 10.96
CA LEU A 278 23.77 10.70 9.95
C LEU A 278 22.46 10.25 10.57
N TYR A 279 22.44 9.08 11.24
CA TYR A 279 21.21 8.55 11.79
C TYR A 279 20.75 9.25 13.06
N SER A 280 21.68 9.82 13.84
CA SER A 280 21.37 10.58 15.06
C SER A 280 20.73 11.92 14.74
N LYS A 281 21.38 12.75 13.89
CA LYS A 281 20.86 14.07 13.49
C LYS A 281 19.56 13.96 12.68
N THR A 282 19.46 13.00 11.72
CA THR A 282 18.21 12.77 10.95
C THR A 282 17.06 12.28 11.87
N SER A 283 17.33 11.32 12.79
CA SER A 283 16.33 10.85 13.77
C SER A 283 15.68 12.03 14.53
N GLU A 284 16.52 12.97 15.04
CA GLU A 284 16.07 14.13 15.82
C GLU A 284 15.35 15.15 14.94
N GLU A 285 15.85 15.37 13.70
CA GLU A 285 15.19 16.25 12.74
C GLU A 285 13.80 15.76 12.34
N PHE A 286 13.67 14.44 12.02
CA PHE A 286 12.42 13.80 11.64
C PHE A 286 11.39 13.93 12.76
N GLU A 287 11.84 13.71 14.00
CA GLU A 287 11.03 13.85 15.20
C GLU A 287 10.61 15.30 15.38
N ARG A 288 11.53 16.25 15.12
CA ARG A 288 11.27 17.70 15.23
C ARG A 288 10.19 18.16 14.23
N VAL A 289 10.48 17.97 12.93
CA VAL A 289 9.68 18.30 11.77
C VAL A 289 8.28 17.65 11.75
N LEU A 290 8.15 16.34 12.09
CA LEU A 290 6.87 15.60 12.07
C LEU A 290 5.84 16.12 13.02
N LYS A 291 4.56 16.02 12.66
CA LYS A 291 3.47 16.40 13.53
C LYS A 291 3.28 15.34 14.65
N LYS A 292 2.55 15.68 15.76
CA LYS A 292 2.28 14.78 16.90
C LYS A 292 1.60 13.52 16.37
N GLY A 293 2.21 12.36 16.67
CA GLY A 293 1.72 11.06 16.21
C GLY A 293 2.06 10.72 14.77
N GLY A 294 2.85 11.60 14.12
CA GLY A 294 3.29 11.47 12.74
C GLY A 294 4.23 10.31 12.58
N ARG A 295 4.25 9.71 11.38
CA ARG A 295 5.10 8.55 11.11
C ARG A 295 6.14 8.76 10.05
N ALA A 296 7.25 7.98 10.15
CA ALA A 296 8.37 7.93 9.20
C ALA A 296 8.60 6.49 8.72
N ALA A 297 8.53 6.30 7.42
CA ALA A 297 8.78 5.01 6.81
C ALA A 297 10.17 5.17 6.21
N ILE A 298 11.16 4.42 6.74
CA ILE A 298 12.57 4.60 6.31
C ILE A 298 13.16 3.33 5.75
N VAL A 299 14.13 3.52 4.82
CA VAL A 299 14.91 2.44 4.20
C VAL A 299 16.41 2.68 4.45
N THR A 300 17.05 1.75 5.21
CA THR A 300 18.49 1.69 5.51
C THR A 300 19.06 0.32 4.96
N ASN A 301 20.39 0.15 4.99
CA ASN A 301 21.12 -1.06 4.55
C ASN A 301 21.82 -1.77 5.73
N ILE A 302 21.80 -1.11 6.91
CA ILE A 302 22.30 -1.53 8.23
C ILE A 302 21.16 -1.41 9.26
N ASP A 303 21.28 -2.07 10.44
CA ASP A 303 20.27 -1.99 11.53
C ASP A 303 20.52 -0.70 12.31
N VAL A 304 19.51 0.20 12.34
CA VAL A 304 19.63 1.54 12.96
C VAL A 304 18.79 1.76 14.28
N GLU A 305 18.18 0.67 14.83
CA GLU A 305 17.33 0.65 16.05
C GLU A 305 17.74 1.60 17.17
N SER A 306 19.05 1.61 17.52
CA SER A 306 19.64 2.39 18.62
C SER A 306 19.53 3.91 18.40
N PHE A 307 19.47 4.34 17.14
CA PHE A 307 19.37 5.73 16.76
C PHE A 307 17.95 6.29 16.84
N PHE A 308 16.92 5.37 16.81
CA PHE A 308 15.50 5.72 16.78
C PHE A 308 14.71 5.27 18.06
N SER A 309 15.32 5.42 19.24
CA SER A 309 14.72 5.12 20.55
C SER A 309 13.77 6.25 21.01
N ASN A 310 13.81 7.38 20.26
CA ASN A 310 12.98 8.58 20.42
C ASN A 310 11.63 8.37 19.67
N PHE A 311 11.57 7.24 18.92
CA PHE A 311 10.46 6.75 18.13
C PHE A 311 10.02 5.38 18.62
N GLU A 312 8.79 5.02 18.22
CA GLU A 312 8.12 3.76 18.40
C GLU A 312 8.41 3.01 17.10
N ILE A 313 9.07 1.85 17.16
CA ILE A 313 9.29 1.05 15.97
C ILE A 313 8.06 0.15 15.85
N GLU A 314 7.09 0.59 15.00
CA GLU A 314 5.83 -0.09 14.72
C GLU A 314 6.05 -1.26 13.75
N MET A 315 7.13 -1.19 12.95
CA MET A 315 7.41 -2.24 12.00
C MET A 315 8.85 -2.23 11.54
N LYS A 316 9.50 -3.39 11.59
CA LYS A 316 10.80 -3.64 11.00
C LYS A 316 10.68 -4.87 10.09
N THR A 317 10.88 -4.67 8.79
CA THR A 317 10.91 -5.76 7.84
C THR A 317 12.18 -5.64 6.98
N GLU A 318 12.44 -6.62 6.12
CA GLU A 318 13.62 -6.65 5.27
C GLU A 318 13.26 -6.97 3.85
N GLU A 319 14.16 -6.67 2.90
CA GLU A 319 14.04 -6.99 1.48
C GLU A 319 15.44 -7.21 0.98
N ARG A 320 15.79 -8.46 0.64
CA ARG A 320 17.12 -8.78 0.12
C ARG A 320 17.23 -8.33 -1.33
N VAL A 321 18.10 -7.33 -1.58
CA VAL A 321 18.32 -6.82 -2.92
C VAL A 321 19.34 -7.71 -3.61
N HIS A 322 20.59 -7.76 -3.11
CA HIS A 322 21.67 -8.64 -3.60
C HIS A 322 22.56 -9.15 -2.47
N GLY A 323 23.58 -9.90 -2.84
CA GLY A 323 24.53 -10.51 -1.93
C GLY A 323 25.23 -9.51 -1.02
N SER A 324 25.28 -8.23 -1.44
CA SER A 324 25.90 -7.15 -0.66
C SER A 324 24.89 -6.08 -0.21
N LEU A 325 23.56 -6.41 -0.27
CA LEU A 325 22.48 -5.48 0.09
C LEU A 325 21.19 -6.18 0.51
N THR A 326 20.86 -6.04 1.80
CA THR A 326 19.59 -6.43 2.42
C THR A 326 19.08 -5.11 3.01
N ARG A 327 17.97 -4.62 2.47
CA ARG A 327 17.39 -3.38 2.94
C ARG A 327 16.55 -3.62 4.17
N ARG A 328 16.71 -2.75 5.17
CA ARG A 328 15.93 -2.75 6.39
C ARG A 328 14.84 -1.73 6.18
N ILE A 329 13.61 -2.08 6.52
CA ILE A 329 12.45 -1.20 6.33
C ILE A 329 11.74 -0.98 7.67
N TYR A 330 11.75 0.27 8.14
CA TYR A 330 11.14 0.62 9.43
C TYR A 330 9.97 1.55 9.27
N LEU A 331 8.92 1.32 10.08
CA LEU A 331 7.79 2.22 10.25
C LEU A 331 7.94 2.70 11.69
N LEU A 332 8.30 3.98 11.84
CA LEU A 332 8.51 4.68 13.12
C LEU A 332 7.37 5.66 13.46
N ARG A 333 7.00 5.78 14.75
CA ARG A 333 5.95 6.72 15.16
C ARG A 333 6.39 7.56 16.35
N ARG A 334 6.07 8.88 16.29
CA ARG A 334 6.31 9.86 17.34
C ARG A 334 5.40 9.52 18.53
N HIS A 335 6.00 9.43 19.73
CA HIS A 335 5.28 9.12 20.98
C HIS A 335 5.68 10.06 22.15
#